data_6D32
#
_entry.id   6D32
#
_cell.length_a   145.778
_cell.length_b   79.232
_cell.length_c   104.076
_cell.angle_alpha   90.000
_cell.angle_beta   108.510
_cell.angle_gamma   90.000
#
_symmetry.space_group_name_H-M   'C 1 2 1'
#
loop_
_entity.id
_entity.type
_entity.pdbx_description
1 polymer 'Smoothened,Soluble cytochrome b562,Smoothened'
2 non-polymer Cyclopamine
#
_entity_poly.entity_id   1
_entity_poly.type   'polypeptide(L)'
_entity_poly.pdbx_seq_one_letter_code
;GPDKCKKTTTCEPLKYNICLGSVLPYALTSTVLAEDSSSQDEVHDKLSLWSGLRNAPRCWDAIRPLLCAVYMPKCEGGKV
ELPSQGLCQTTRVPCAIVARERGWPDFLKCTTDYFPEGCPNEVQNIKFNSAGQCEAPLVRTDNPKSWYEDVEGCGIQCQN
PLFTNKEHREMHIYIAIFSSVTIFCTFFTLATFLVDWKNSNRYPAVILFYVNACFFAGSIGWLAQFMDGARDEIVCRGDG
TMRLGEPTSSETLSCVIIFIIVYYSMMSGVIWFVMLTYAWHTSFKALGTTHQPLSGKTSYFHLITWSIPFVLTVAILAVA
QVDGDSVSGICFVGYKNYHYRAGFVLAPIGLVLIGGGYFLIRGVMTLFSARRQLADLEDNWETLNDNLKVIEKADNAAQV
KDALTKMRAAALDAQKATPPKLEDKSPDSPEMKDFRHGFDILVGQIDDALKLANEGKVKEAQAAAEQLKTTRNAYIQKYL
ERARSTLSKINETMLRLGIFGFLAFGFVLITFGCHFYDFFNQAEWERSFREYVLCEANVAIAEQTNKPIPECYIKNRPSL
LVEKINLFAMFGTGISMSTWVWTKATIIIWKRAWCRILGRPAAAHHHHHHHH
;
_entity_poly.pdbx_strand_id   A
#
# COMPACT_ATOMS: atom_id res chain seq x y z
N LYS A 4 39.17 11.58 -45.83
CA LYS A 4 38.58 10.36 -45.28
C LYS A 4 37.25 10.65 -44.61
N CYS A 5 36.49 9.59 -44.34
CA CYS A 5 35.18 9.71 -43.71
C CYS A 5 35.24 9.83 -42.20
N LYS A 6 36.45 9.90 -41.65
CA LYS A 6 36.60 9.95 -40.20
C LYS A 6 37.52 11.09 -39.76
N LYS A 7 37.20 11.67 -38.60
CA LYS A 7 37.94 12.80 -38.06
C LYS A 7 38.39 12.50 -36.63
N THR A 8 39.59 12.99 -36.27
CA THR A 8 40.18 12.69 -34.97
C THR A 8 39.80 13.73 -33.90
N THR A 9 39.10 13.26 -32.87
CA THR A 9 38.71 14.12 -31.75
C THR A 9 38.34 13.26 -30.54
N THR A 10 38.17 13.90 -29.39
CA THR A 10 37.87 13.17 -28.15
C THR A 10 36.37 12.93 -28.00
N CYS A 11 36.01 11.67 -27.76
CA CYS A 11 34.61 11.26 -27.65
C CYS A 11 34.05 11.45 -26.24
N GLU A 12 32.97 12.20 -26.12
CA GLU A 12 32.31 12.40 -24.84
C GLU A 12 30.86 11.90 -24.90
N PRO A 13 30.33 11.43 -23.76
CA PRO A 13 28.98 10.87 -23.69
C PRO A 13 27.89 11.86 -24.14
N LEU A 14 26.80 11.33 -24.69
CA LEU A 14 25.66 12.14 -25.06
C LEU A 14 24.94 12.66 -23.83
N LYS A 15 24.69 13.96 -23.79
CA LYS A 15 23.91 14.56 -22.71
C LYS A 15 22.43 14.29 -22.97
N TYR A 16 22.09 14.09 -24.23
CA TYR A 16 20.76 13.67 -24.64
C TYR A 16 20.88 12.50 -25.61
N ASN A 17 20.19 11.40 -25.32
CA ASN A 17 20.28 10.23 -26.18
C ASN A 17 19.24 10.25 -27.29
N ILE A 18 18.62 11.41 -27.49
CA ILE A 18 17.60 11.58 -28.53
C ILE A 18 18.01 12.68 -29.52
N CYS A 19 17.80 12.41 -30.81
CA CYS A 19 18.06 13.42 -31.83
C CYS A 19 16.79 13.74 -32.62
N LEU A 20 16.14 14.84 -32.24
CA LEU A 20 14.93 15.31 -32.92
C LEU A 20 13.84 14.25 -33.01
N GLY A 21 13.40 13.76 -31.86
CA GLY A 21 12.34 12.78 -31.79
C GLY A 21 12.75 11.37 -32.20
N SER A 22 14.03 11.18 -32.46
CA SER A 22 14.54 9.85 -32.77
C SER A 22 15.65 9.45 -31.82
N VAL A 23 15.56 8.23 -31.29
CA VAL A 23 16.58 7.69 -30.40
C VAL A 23 17.90 7.49 -31.14
N LEU A 24 19.00 7.86 -30.49
CA LEU A 24 20.32 7.67 -31.09
C LEU A 24 20.87 6.29 -30.77
N PRO A 25 21.26 5.53 -31.81
CA PRO A 25 21.76 4.17 -31.66
C PRO A 25 23.16 4.08 -31.07
N TYR A 26 23.81 5.23 -30.87
CA TYR A 26 25.15 5.24 -30.30
C TYR A 26 25.15 5.97 -28.95
N ALA A 27 26.29 5.95 -28.26
CA ALA A 27 26.35 6.45 -26.90
C ALA A 27 27.29 7.63 -26.73
N LEU A 28 28.20 7.83 -27.68
CA LEU A 28 29.18 8.90 -27.59
C LEU A 28 29.12 9.83 -28.80
N THR A 29 29.45 11.11 -28.58
CA THR A 29 29.38 12.10 -29.64
C THR A 29 30.53 13.12 -29.56
N SER A 30 30.50 14.12 -30.43
CA SER A 30 31.51 15.18 -30.41
C SER A 30 30.99 16.48 -31.03
N THR A 31 31.40 17.60 -30.43
CA THR A 31 30.92 18.92 -30.84
C THR A 31 31.88 19.60 -31.82
N VAL A 32 32.70 18.81 -32.50
CA VAL A 32 33.74 19.37 -33.37
C VAL A 32 33.18 19.76 -34.74
N LEU A 33 32.22 19.00 -35.24
CA LEU A 33 31.63 19.28 -36.54
C LEU A 33 30.64 20.44 -36.47
N ALA A 34 29.98 20.60 -35.33
CA ALA A 34 29.12 21.75 -35.12
C ALA A 34 29.96 22.99 -34.84
N GLU A 35 30.42 23.65 -35.90
CA GLU A 35 31.36 24.76 -35.77
C GLU A 35 30.73 26.01 -35.15
N ASP A 36 29.43 25.96 -34.89
CA ASP A 36 28.77 27.06 -34.19
C ASP A 36 28.54 26.65 -32.73
N SER A 37 29.09 25.51 -32.35
CA SER A 37 28.92 24.98 -31.00
C SER A 37 30.24 24.49 -30.42
N SER A 38 30.36 24.59 -29.10
CA SER A 38 31.56 24.11 -28.41
C SER A 38 31.20 23.08 -27.33
N SER A 39 29.96 23.17 -26.85
CA SER A 39 29.46 22.23 -25.84
C SER A 39 28.12 21.65 -26.30
N GLN A 40 27.68 20.60 -25.62
CA GLN A 40 26.45 19.92 -25.99
C GLN A 40 25.21 20.72 -25.59
N ASP A 41 25.38 21.62 -24.63
CA ASP A 41 24.33 22.57 -24.28
C ASP A 41 24.07 23.46 -25.48
N GLU A 42 25.17 23.97 -26.06
CA GLU A 42 25.09 24.78 -27.27
C GLU A 42 24.45 24.00 -28.40
N VAL A 43 24.81 22.73 -28.53
CA VAL A 43 24.26 21.87 -29.58
C VAL A 43 22.74 21.74 -29.45
N HIS A 44 22.28 21.45 -28.23
CA HIS A 44 20.85 21.34 -27.98
C HIS A 44 20.14 22.66 -28.25
N ASP A 45 20.81 23.77 -27.94
CA ASP A 45 20.27 25.09 -28.23
C ASP A 45 20.11 25.34 -29.73
N LYS A 46 21.15 25.00 -30.49
CA LYS A 46 21.13 25.21 -31.93
C LYS A 46 20.07 24.33 -32.57
N LEU A 47 19.90 23.13 -32.05
CA LEU A 47 18.87 22.22 -32.54
C LEU A 47 17.48 22.75 -32.15
N SER A 48 17.42 23.48 -31.04
CA SER A 48 16.19 24.14 -30.63
C SER A 48 15.88 25.31 -31.56
N LEU A 49 16.93 25.87 -32.16
CA LEU A 49 16.77 26.92 -33.16
C LEU A 49 16.32 26.34 -34.49
N TRP A 50 16.88 25.19 -34.85
CA TRP A 50 16.50 24.47 -36.06
C TRP A 50 15.11 23.89 -35.91
N SER A 51 14.63 23.79 -34.68
CA SER A 51 13.32 23.22 -34.40
C SER A 51 12.20 23.97 -35.10
N GLY A 52 12.31 25.30 -35.15
CA GLY A 52 11.28 26.14 -35.75
C GLY A 52 11.00 25.87 -37.22
N LEU A 53 11.80 25.01 -37.83
CA LEU A 53 11.65 24.65 -39.23
C LEU A 53 10.63 23.53 -39.41
N ARG A 54 10.22 22.91 -38.29
CA ARG A 54 9.30 21.78 -38.32
C ARG A 54 7.94 22.12 -38.92
N ASN A 55 7.65 23.42 -39.04
CA ASN A 55 6.40 23.86 -39.67
C ASN A 55 6.47 23.70 -41.19
N ALA A 56 7.62 23.26 -41.68
CA ALA A 56 7.79 22.93 -43.09
C ALA A 56 8.23 21.47 -43.25
N PRO A 57 7.28 20.53 -43.15
CA PRO A 57 7.60 19.08 -43.15
C PRO A 57 8.35 18.62 -44.39
N ARG A 58 8.07 19.26 -45.53
CA ARG A 58 8.75 18.92 -46.79
C ARG A 58 10.26 19.07 -46.66
N CYS A 59 10.70 20.15 -46.02
CA CYS A 59 12.12 20.38 -45.82
C CYS A 59 12.63 19.65 -44.58
N TRP A 60 11.81 19.67 -43.53
CA TRP A 60 12.17 19.05 -42.26
C TRP A 60 12.55 17.58 -42.43
N ASP A 61 11.77 16.87 -43.23
CA ASP A 61 12.02 15.46 -43.54
C ASP A 61 13.44 15.23 -44.07
N ALA A 62 13.90 16.14 -44.93
CA ALA A 62 15.21 15.99 -45.56
C ALA A 62 16.34 16.60 -44.73
N ILE A 63 16.02 17.51 -43.82
CA ILE A 63 17.07 18.19 -43.05
C ILE A 63 17.35 17.51 -41.71
N ARG A 64 16.38 16.75 -41.20
CA ARG A 64 16.59 15.98 -39.96
C ARG A 64 17.88 15.14 -39.97
N PRO A 65 18.05 14.28 -41.00
CA PRO A 65 19.22 13.41 -40.96
C PRO A 65 20.55 14.17 -41.01
N LEU A 66 20.58 15.24 -41.78
CA LEU A 66 21.78 16.07 -41.88
C LEU A 66 22.12 16.66 -40.53
N LEU A 67 21.12 17.27 -39.91
CA LEU A 67 21.27 17.91 -38.61
C LEU A 67 21.76 16.91 -37.56
N CYS A 68 21.26 15.69 -37.61
CA CYS A 68 21.69 14.66 -36.68
C CYS A 68 23.13 14.24 -36.95
N ALA A 69 23.48 14.08 -38.22
CA ALA A 69 24.82 13.64 -38.61
C ALA A 69 25.87 14.71 -38.32
N VAL A 70 25.43 15.96 -38.19
CA VAL A 70 26.35 17.07 -37.98
C VAL A 70 26.46 17.45 -36.51
N TYR A 71 25.33 17.74 -35.88
CA TYR A 71 25.32 18.23 -34.51
C TYR A 71 25.53 17.14 -33.48
N MET A 72 24.96 15.97 -33.71
CA MET A 72 25.12 14.86 -32.78
C MET A 72 25.59 13.60 -33.51
N PRO A 73 26.85 13.60 -33.97
CA PRO A 73 27.40 12.47 -34.75
C PRO A 73 27.92 11.35 -33.85
N LYS A 74 28.17 10.19 -34.44
CA LYS A 74 28.69 9.06 -33.68
C LYS A 74 30.19 9.19 -33.46
N CYS A 75 30.60 9.15 -32.20
CA CYS A 75 32.02 9.18 -31.85
C CYS A 75 32.39 7.86 -31.20
N GLU A 76 33.41 7.20 -31.72
CA GLU A 76 33.79 5.89 -31.21
C GLU A 76 35.29 5.64 -31.35
N GLY A 77 36.00 5.71 -30.23
CA GLY A 77 37.42 5.44 -30.22
C GLY A 77 38.24 6.55 -30.85
N GLY A 78 37.90 7.79 -30.55
CA GLY A 78 38.65 8.94 -31.02
C GLY A 78 38.26 9.42 -32.40
N LYS A 79 37.28 8.76 -33.01
CA LYS A 79 36.89 9.10 -34.38
C LYS A 79 35.43 9.53 -34.48
N VAL A 80 35.16 10.51 -35.32
CA VAL A 80 33.80 10.88 -35.69
C VAL A 80 33.59 10.77 -37.19
N GLU A 81 32.53 10.09 -37.59
CA GLU A 81 32.24 9.95 -39.01
C GLU A 81 31.57 11.22 -39.54
N LEU A 82 32.15 11.79 -40.58
CA LEU A 82 31.61 12.99 -41.21
C LEU A 82 30.47 12.63 -42.15
N PRO A 83 29.45 13.51 -42.23
CA PRO A 83 28.30 13.26 -43.10
C PRO A 83 28.70 13.24 -44.57
N SER A 84 27.94 12.50 -45.38
CA SER A 84 28.29 12.30 -46.78
C SER A 84 27.78 13.43 -47.69
N GLN A 85 28.41 13.54 -48.86
CA GLN A 85 27.98 14.50 -49.88
C GLN A 85 26.58 14.18 -50.36
N GLY A 86 26.33 12.89 -50.58
CA GLY A 86 25.03 12.42 -51.01
C GLY A 86 23.93 12.80 -50.04
N LEU A 87 24.27 12.82 -48.75
CA LEU A 87 23.32 13.18 -47.71
C LEU A 87 23.05 14.68 -47.71
N CYS A 88 24.08 15.46 -47.99
CA CYS A 88 23.95 16.91 -47.98
C CYS A 88 23.19 17.42 -49.20
N GLN A 89 23.34 16.73 -50.32
CA GLN A 89 22.66 17.14 -51.56
C GLN A 89 21.14 16.99 -51.46
N THR A 90 20.70 16.08 -50.60
CA THR A 90 19.27 15.87 -50.41
C THR A 90 18.64 16.97 -49.55
N THR A 91 19.48 17.89 -49.07
CA THR A 91 19.00 18.98 -48.24
C THR A 91 18.93 20.29 -49.01
N ARG A 92 19.76 20.41 -50.05
CA ARG A 92 19.82 21.63 -50.84
C ARG A 92 18.51 21.90 -51.56
N VAL A 93 18.00 20.89 -52.25
CA VAL A 93 16.79 21.04 -53.07
C VAL A 93 15.54 21.42 -52.27
N PRO A 94 15.20 20.67 -51.20
CA PRO A 94 13.95 21.02 -50.54
C PRO A 94 14.08 22.12 -49.49
N CYS A 95 15.23 22.18 -48.80
CA CYS A 95 15.43 23.17 -47.75
C CYS A 95 16.05 24.45 -48.31
N ALA A 96 15.79 24.70 -49.58
CA ALA A 96 16.29 25.90 -50.26
C ALA A 96 15.81 27.15 -49.53
N ILE A 97 14.71 27.03 -48.80
CA ILE A 97 14.18 28.11 -47.97
C ILE A 97 15.26 28.65 -47.03
N VAL A 98 16.01 27.75 -46.41
CA VAL A 98 17.10 28.12 -45.51
C VAL A 98 18.11 29.00 -46.23
N ALA A 99 18.36 28.69 -47.49
CA ALA A 99 19.32 29.44 -48.29
C ALA A 99 18.82 30.83 -48.63
N ARG A 100 17.50 31.00 -48.67
CA ARG A 100 16.92 32.26 -49.10
C ARG A 100 16.81 33.28 -47.97
N GLU A 101 16.51 32.79 -46.78
CA GLU A 101 16.13 33.68 -45.68
C GLU A 101 17.28 34.11 -44.79
N ARG A 102 18.28 33.23 -44.62
CA ARG A 102 19.42 33.57 -43.80
C ARG A 102 20.69 32.88 -44.28
N GLY A 103 20.56 32.15 -45.39
CA GLY A 103 21.69 31.46 -45.96
C GLY A 103 22.10 30.23 -45.16
N TRP A 104 23.08 29.51 -45.67
CA TRP A 104 23.58 28.31 -45.00
C TRP A 104 24.82 28.59 -44.17
N PRO A 105 24.87 28.00 -42.98
CA PRO A 105 26.12 27.99 -42.20
C PRO A 105 27.23 27.33 -43.01
N ASP A 106 28.46 27.79 -42.83
CA ASP A 106 29.57 27.34 -43.67
C ASP A 106 29.90 25.86 -43.44
N PHE A 107 29.61 25.36 -42.25
CA PHE A 107 29.87 23.95 -41.95
C PHE A 107 28.71 23.08 -42.41
N LEU A 108 27.65 23.71 -42.93
CA LEU A 108 26.52 22.99 -43.48
C LEU A 108 26.42 23.15 -44.99
N LYS A 109 27.34 23.93 -45.56
CA LYS A 109 27.49 24.02 -47.01
C LYS A 109 28.13 22.74 -47.54
N CYS A 110 27.74 22.34 -48.74
CA CYS A 110 28.10 21.01 -49.25
C CYS A 110 29.50 20.93 -49.86
N THR A 111 30.43 21.74 -49.35
CA THR A 111 31.83 21.63 -49.77
C THR A 111 32.40 20.29 -49.30
N THR A 112 33.05 19.57 -50.22
CA THR A 112 33.44 18.19 -49.98
C THR A 112 34.46 18.00 -48.85
N ASP A 113 35.01 19.09 -48.34
CA ASP A 113 35.89 19.00 -47.18
C ASP A 113 35.07 18.84 -45.91
N TYR A 114 33.84 19.36 -45.93
CA TYR A 114 32.89 19.16 -44.83
C TYR A 114 32.07 17.90 -45.06
N PHE A 115 31.77 17.61 -46.31
CA PHE A 115 30.95 16.45 -46.67
C PHE A 115 31.62 15.63 -47.76
N PRO A 116 32.51 14.69 -47.36
CA PRO A 116 33.21 13.82 -48.31
C PRO A 116 32.25 12.94 -49.11
N GLU A 117 32.70 12.45 -50.27
CA GLU A 117 31.83 11.73 -51.20
C GLU A 117 31.88 10.23 -50.99
N GLY A 118 30.71 9.63 -50.76
CA GLY A 118 30.60 8.19 -50.63
C GLY A 118 30.81 7.66 -49.23
N CYS A 119 30.86 8.57 -48.26
CA CYS A 119 31.06 8.17 -46.86
C CYS A 119 29.83 7.49 -46.28
N PRO A 120 30.02 6.33 -45.66
CA PRO A 120 28.93 5.64 -44.94
C PRO A 120 28.52 6.42 -43.70
N ASN A 121 27.24 6.75 -43.58
CA ASN A 121 26.75 7.47 -42.41
C ASN A 121 25.77 6.65 -41.59
N GLU A 122 25.92 6.71 -40.26
CA GLU A 122 25.08 5.95 -39.35
C GLU A 122 23.64 6.43 -39.39
N VAL A 123 23.45 7.67 -39.83
CA VAL A 123 22.15 8.32 -39.80
C VAL A 123 21.21 7.81 -40.92
N GLN A 124 21.77 7.47 -42.07
CA GLN A 124 20.99 6.99 -43.21
C GLN A 124 20.16 5.77 -42.86
N ASN A 125 20.65 4.97 -41.91
CA ASN A 125 19.94 3.79 -41.45
C ASN A 125 18.71 4.18 -40.63
N ILE A 126 18.85 5.24 -39.83
CA ILE A 126 17.77 5.71 -38.98
C ILE A 126 16.58 6.25 -39.77
N LYS A 127 15.39 5.82 -39.38
CA LYS A 127 14.16 6.34 -39.98
C LYS A 127 13.48 7.28 -39.00
N PHE A 128 13.17 8.49 -39.47
CA PHE A 128 12.51 9.49 -38.64
C PHE A 128 11.00 9.38 -38.79
N ASN A 129 10.57 8.58 -39.76
CA ASN A 129 9.19 8.10 -39.81
C ASN A 129 9.17 6.69 -39.22
N SER A 130 8.84 6.60 -37.93
CA SER A 130 9.03 5.38 -37.17
C SER A 130 8.16 4.19 -37.62
N ALA A 131 8.30 3.80 -38.89
CA ALA A 131 7.59 2.63 -39.42
C ALA A 131 8.00 1.38 -38.65
N GLY A 132 9.30 1.17 -38.52
CA GLY A 132 9.83 0.04 -37.77
C GLY A 132 10.83 0.49 -36.73
N GLN A 133 10.92 1.81 -36.54
CA GLN A 133 11.86 2.37 -35.59
C GLN A 133 11.51 2.03 -34.15
N CYS A 134 10.21 2.02 -33.84
CA CYS A 134 9.76 1.70 -32.50
C CYS A 134 10.21 0.31 -32.08
N GLU A 135 11.04 0.27 -31.05
CA GLU A 135 11.67 -0.96 -30.60
C GLU A 135 11.22 -1.33 -29.19
N ALA A 136 10.87 -2.60 -29.00
CA ALA A 136 10.49 -3.10 -27.67
C ALA A 136 11.56 -2.73 -26.64
N PRO A 137 11.14 -2.31 -25.44
CA PRO A 137 9.78 -2.20 -24.92
C PRO A 137 9.07 -0.90 -25.29
N LEU A 138 8.92 -0.63 -26.59
CA LEU A 138 8.15 0.49 -27.08
C LEU A 138 7.30 0.01 -28.25
N VAL A 139 6.14 0.63 -28.44
CA VAL A 139 5.24 0.25 -29.53
C VAL A 139 4.76 1.49 -30.27
N ARG A 140 4.73 1.41 -31.60
CA ARG A 140 4.34 2.56 -32.41
C ARG A 140 2.90 2.97 -32.17
N THR A 141 2.73 4.18 -31.64
CA THR A 141 1.41 4.80 -31.55
C THR A 141 1.51 6.22 -32.09
N ASP A 142 0.56 6.59 -32.93
CA ASP A 142 0.58 7.88 -33.60
C ASP A 142 -0.12 8.95 -32.77
N ASN A 143 -0.50 8.59 -31.54
CA ASN A 143 -1.09 9.54 -30.61
C ASN A 143 -0.02 10.22 -29.75
N PRO A 144 0.12 11.55 -29.88
CA PRO A 144 1.15 12.34 -29.21
C PRO A 144 0.99 12.44 -27.69
N LYS A 145 -0.04 11.80 -27.13
CA LYS A 145 -0.23 11.80 -25.69
C LYS A 145 0.37 10.55 -25.07
N SER A 146 0.78 9.61 -25.92
CA SER A 146 1.35 8.35 -25.46
C SER A 146 2.84 8.26 -25.75
N TRP A 147 3.36 9.26 -26.44
CA TRP A 147 4.76 9.27 -26.85
C TRP A 147 5.71 9.39 -25.67
N TYR A 148 6.64 8.43 -25.57
CA TYR A 148 7.60 8.40 -24.47
C TYR A 148 8.58 9.56 -24.55
N GLU A 149 8.53 10.44 -23.55
CA GLU A 149 9.40 11.61 -23.47
C GLU A 149 9.26 12.50 -24.71
N ASP A 150 10.34 12.63 -25.48
CA ASP A 150 10.35 13.49 -26.65
C ASP A 150 10.34 12.69 -27.95
N VAL A 151 10.43 11.36 -27.83
CA VAL A 151 10.45 10.48 -28.98
C VAL A 151 9.17 10.61 -29.81
N GLU A 152 9.33 10.70 -31.12
CA GLU A 152 8.17 10.80 -32.01
C GLU A 152 7.78 9.45 -32.59
N GLY A 153 6.49 9.12 -32.52
CA GLY A 153 5.96 7.93 -33.14
C GLY A 153 6.01 6.70 -32.26
N CYS A 154 6.83 6.74 -31.22
CA CYS A 154 6.98 5.60 -30.32
C CYS A 154 6.33 5.87 -28.96
N GLY A 155 5.62 4.86 -28.45
CA GLY A 155 4.99 4.97 -27.16
C GLY A 155 5.51 3.92 -26.21
N ILE A 156 5.34 4.14 -24.91
CA ILE A 156 5.81 3.21 -23.89
C ILE A 156 4.81 2.08 -23.69
N GLN A 157 5.24 0.84 -23.94
CA GLN A 157 4.34 -0.30 -24.06
C GLN A 157 3.46 -0.53 -22.83
N CYS A 158 2.37 -1.26 -23.02
CA CYS A 158 1.34 -1.40 -22.01
C CYS A 158 1.71 -2.34 -20.87
N GLN A 159 1.97 -3.60 -21.20
CA GLN A 159 2.36 -4.58 -20.20
C GLN A 159 3.67 -4.17 -19.55
N ASN A 160 3.79 -4.44 -18.25
CA ASN A 160 4.96 -4.04 -17.48
C ASN A 160 6.26 -4.60 -18.07
N PRO A 161 7.16 -3.70 -18.50
CA PRO A 161 8.44 -4.08 -19.11
C PRO A 161 9.52 -4.43 -18.08
N LEU A 162 9.13 -4.76 -16.85
CA LEU A 162 10.08 -5.14 -15.82
C LEU A 162 9.86 -6.59 -15.37
N PHE A 163 8.71 -7.14 -15.75
CA PHE A 163 8.39 -8.54 -15.48
C PHE A 163 7.81 -9.19 -16.74
N THR A 164 8.25 -10.40 -17.05
CA THR A 164 7.74 -11.07 -18.25
C THR A 164 6.42 -11.78 -17.98
N ASN A 165 5.84 -12.35 -19.03
CA ASN A 165 4.54 -13.00 -18.95
C ASN A 165 4.53 -14.16 -17.96
N LYS A 166 5.67 -14.84 -17.85
CA LYS A 166 5.84 -15.95 -16.93
C LYS A 166 5.57 -15.52 -15.50
N GLU A 167 5.88 -14.26 -15.20
CA GLU A 167 5.65 -13.71 -13.88
C GLU A 167 4.25 -13.11 -13.77
N HIS A 168 3.74 -12.62 -14.89
CA HIS A 168 2.40 -12.04 -14.93
C HIS A 168 1.34 -13.09 -14.59
N ARG A 169 1.44 -14.27 -15.22
CA ARG A 169 0.53 -15.36 -14.92
C ARG A 169 0.60 -15.74 -13.45
N GLU A 170 1.83 -15.80 -12.93
CA GLU A 170 2.09 -16.11 -11.53
C GLU A 170 1.37 -15.16 -10.59
N MET A 171 1.67 -13.87 -10.72
CA MET A 171 1.08 -12.88 -9.83
C MET A 171 -0.43 -12.83 -10.00
N HIS A 172 -0.90 -13.12 -11.21
CA HIS A 172 -2.33 -13.08 -11.48
C HIS A 172 -3.07 -14.22 -10.77
N ILE A 173 -2.47 -15.41 -10.74
CA ILE A 173 -3.12 -16.52 -10.03
C ILE A 173 -3.00 -16.32 -8.53
N TYR A 174 -1.90 -15.70 -8.09
CA TYR A 174 -1.70 -15.33 -6.69
C TYR A 174 -2.83 -14.42 -6.21
N ILE A 175 -2.95 -13.27 -6.87
CA ILE A 175 -3.99 -12.29 -6.59
C ILE A 175 -5.38 -12.92 -6.72
N ALA A 176 -5.53 -13.81 -7.69
CA ALA A 176 -6.78 -14.54 -7.88
C ALA A 176 -7.19 -15.25 -6.59
N ILE A 177 -6.35 -16.17 -6.13
CA ILE A 177 -6.64 -16.93 -4.93
C ILE A 177 -6.89 -16.03 -3.71
N PHE A 178 -5.94 -15.13 -3.44
CA PHE A 178 -6.05 -14.26 -2.26
C PHE A 178 -7.32 -13.41 -2.27
N SER A 179 -7.54 -12.68 -3.36
CA SER A 179 -8.69 -11.81 -3.49
C SER A 179 -10.00 -12.57 -3.50
N SER A 180 -9.96 -13.84 -3.91
CA SER A 180 -11.15 -14.69 -3.86
C SER A 180 -11.48 -15.04 -2.41
N VAL A 181 -10.47 -15.50 -1.69
CA VAL A 181 -10.61 -15.78 -0.26
C VAL A 181 -11.22 -14.56 0.44
N THR A 182 -10.67 -13.38 0.16
CA THR A 182 -11.18 -12.17 0.77
C THR A 182 -12.61 -11.84 0.33
N ILE A 183 -12.90 -11.97 -0.96
CA ILE A 183 -14.19 -11.56 -1.49
C ILE A 183 -15.33 -12.44 -0.96
N PHE A 184 -15.03 -13.69 -0.60
CA PHE A 184 -16.09 -14.52 -0.05
C PHE A 184 -16.11 -14.55 1.48
N CYS A 185 -14.95 -14.33 2.10
CA CYS A 185 -14.90 -14.17 3.56
C CYS A 185 -15.71 -12.94 3.97
N THR A 186 -15.45 -11.83 3.28
CA THR A 186 -16.16 -10.59 3.56
C THR A 186 -17.64 -10.72 3.24
N PHE A 187 -17.98 -11.58 2.27
CA PHE A 187 -19.38 -11.83 1.94
C PHE A 187 -20.06 -12.63 3.06
N PHE A 188 -19.31 -13.56 3.63
CA PHE A 188 -19.78 -14.32 4.79
C PHE A 188 -20.08 -13.37 5.96
N THR A 189 -19.09 -12.51 6.25
CA THR A 189 -19.21 -11.55 7.34
C THR A 189 -20.34 -10.53 7.10
N LEU A 190 -20.55 -10.16 5.85
CA LEU A 190 -21.66 -9.27 5.50
C LEU A 190 -23.00 -9.97 5.74
N ALA A 191 -23.11 -11.17 5.20
CA ALA A 191 -24.35 -11.95 5.28
C ALA A 191 -24.75 -12.20 6.72
N THR A 192 -23.76 -12.42 7.59
CA THR A 192 -24.05 -12.62 9.01
C THR A 192 -24.73 -11.40 9.64
N PHE A 193 -24.10 -10.24 9.51
CA PHE A 193 -24.63 -9.02 10.08
C PHE A 193 -25.82 -8.46 9.29
N LEU A 194 -26.17 -9.12 8.19
CA LEU A 194 -27.26 -8.67 7.35
C LEU A 194 -28.54 -9.47 7.59
N VAL A 195 -28.41 -10.79 7.67
CA VAL A 195 -29.57 -11.65 7.89
C VAL A 195 -30.17 -11.36 9.26
N ASP A 196 -29.33 -10.96 10.21
CA ASP A 196 -29.81 -10.50 11.51
C ASP A 196 -29.68 -8.98 11.62
N TRP A 197 -30.14 -8.28 10.60
CA TRP A 197 -30.07 -6.82 10.55
C TRP A 197 -30.82 -6.16 11.71
N LYS A 198 -31.78 -6.89 12.27
CA LYS A 198 -32.57 -6.39 13.39
C LYS A 198 -31.82 -6.56 14.72
N ASN A 199 -31.00 -7.60 14.81
CA ASN A 199 -30.37 -7.97 16.07
C ASN A 199 -28.86 -7.75 16.09
N SER A 200 -28.27 -7.49 14.93
CA SER A 200 -26.82 -7.30 14.85
C SER A 200 -26.43 -5.85 14.62
N ASN A 201 -27.43 -4.99 14.38
CA ASN A 201 -27.16 -3.58 14.14
C ASN A 201 -26.89 -2.77 15.40
N ARG A 202 -25.72 -2.99 16.00
CA ARG A 202 -25.28 -2.25 17.17
C ARG A 202 -23.86 -1.73 16.96
N TYR A 203 -23.54 -0.66 17.67
CA TYR A 203 -22.17 -0.16 17.68
C TYR A 203 -21.46 -0.65 18.94
N PRO A 204 -20.19 -1.07 18.80
CA PRO A 204 -19.40 -1.03 17.57
C PRO A 204 -19.39 -2.31 16.74
N ALA A 205 -20.40 -3.15 16.86
CA ALA A 205 -20.41 -4.42 16.13
C ALA A 205 -20.76 -4.21 14.65
N VAL A 206 -21.27 -3.03 14.30
CA VAL A 206 -21.58 -2.73 12.90
C VAL A 206 -20.38 -2.09 12.22
N ILE A 207 -19.40 -1.66 13.01
CA ILE A 207 -18.19 -1.08 12.47
C ILE A 207 -17.36 -2.16 11.77
N LEU A 208 -17.34 -3.36 12.35
CA LEU A 208 -16.70 -4.51 11.72
C LEU A 208 -17.38 -4.79 10.38
N PHE A 209 -18.70 -4.72 10.40
CA PHE A 209 -19.52 -4.93 9.21
C PHE A 209 -19.15 -3.91 8.12
N TYR A 210 -18.93 -2.67 8.53
CA TYR A 210 -18.55 -1.62 7.58
C TYR A 210 -17.15 -1.86 7.02
N VAL A 211 -16.23 -2.29 7.89
CA VAL A 211 -14.88 -2.65 7.49
C VAL A 211 -14.92 -3.70 6.39
N ASN A 212 -15.64 -4.79 6.66
CA ASN A 212 -15.76 -5.88 5.71
C ASN A 212 -16.54 -5.50 4.46
N ALA A 213 -17.43 -4.52 4.60
CA ALA A 213 -18.15 -3.99 3.44
C ALA A 213 -17.17 -3.31 2.49
N CYS A 214 -16.34 -2.43 3.06
CA CYS A 214 -15.29 -1.76 2.30
C CYS A 214 -14.35 -2.78 1.64
N PHE A 215 -13.85 -3.71 2.43
CA PHE A 215 -12.91 -4.70 1.93
C PHE A 215 -13.55 -5.73 1.01
N PHE A 216 -14.88 -5.68 0.89
CA PHE A 216 -15.59 -6.48 -0.10
C PHE A 216 -15.61 -5.69 -1.41
N ALA A 217 -16.04 -4.44 -1.29
CA ALA A 217 -16.10 -3.54 -2.43
C ALA A 217 -14.75 -3.42 -3.15
N GLY A 218 -13.67 -3.39 -2.37
CA GLY A 218 -12.34 -3.29 -2.95
C GLY A 218 -11.91 -4.54 -3.68
N SER A 219 -12.11 -5.69 -3.05
CA SER A 219 -11.76 -6.98 -3.65
C SER A 219 -12.57 -7.20 -4.93
N ILE A 220 -13.76 -6.61 -5.01
CA ILE A 220 -14.52 -6.63 -6.27
C ILE A 220 -13.70 -5.97 -7.39
N GLY A 221 -13.26 -4.74 -7.16
CA GLY A 221 -12.43 -4.04 -8.11
C GLY A 221 -11.15 -4.78 -8.42
N TRP A 222 -10.64 -5.50 -7.42
CA TRP A 222 -9.45 -6.32 -7.63
C TRP A 222 -9.74 -7.51 -8.54
N LEU A 223 -10.98 -7.98 -8.52
CA LEU A 223 -11.37 -9.13 -9.33
C LEU A 223 -11.80 -8.72 -10.74
N ALA A 224 -12.13 -7.45 -10.90
CA ALA A 224 -12.63 -6.93 -12.18
C ALA A 224 -11.70 -7.20 -13.36
N GLN A 225 -10.40 -7.35 -13.08
CA GLN A 225 -9.40 -7.51 -14.12
C GLN A 225 -9.32 -8.92 -14.71
N PHE A 226 -10.19 -9.80 -14.24
CA PHE A 226 -10.10 -11.20 -14.64
C PHE A 226 -11.13 -11.60 -15.70
N MET A 227 -11.90 -10.63 -16.16
CA MET A 227 -12.88 -10.88 -17.22
C MET A 227 -12.20 -11.08 -18.57
N ASP A 228 -12.98 -11.41 -19.58
CA ASP A 228 -12.43 -11.63 -20.91
C ASP A 228 -12.08 -10.29 -21.56
N GLY A 229 -10.85 -9.85 -21.31
CA GLY A 229 -10.34 -8.64 -21.94
C GLY A 229 -10.54 -7.36 -21.16
N ALA A 230 -10.92 -7.49 -19.90
CA ALA A 230 -11.16 -6.32 -19.05
C ALA A 230 -9.83 -5.74 -18.57
N ARG A 231 -8.87 -6.63 -18.31
CA ARG A 231 -7.55 -6.25 -17.81
C ARG A 231 -6.89 -5.19 -18.70
N ASP A 232 -6.86 -5.47 -19.99
CA ASP A 232 -6.23 -4.57 -20.96
C ASP A 232 -7.06 -3.31 -21.16
N GLU A 233 -8.34 -3.38 -20.83
CA GLU A 233 -9.22 -2.22 -20.92
C GLU A 233 -8.98 -1.27 -19.75
N ILE A 234 -8.58 -1.83 -18.62
CA ILE A 234 -8.29 -1.03 -17.43
C ILE A 234 -6.87 -0.46 -17.46
N VAL A 235 -5.90 -1.31 -17.79
CA VAL A 235 -4.48 -0.95 -17.69
C VAL A 235 -3.96 -0.19 -18.91
N CYS A 236 -4.32 -0.66 -20.10
CA CYS A 236 -3.77 -0.09 -21.33
C CYS A 236 -4.64 1.03 -21.88
N ARG A 237 -4.01 1.95 -22.62
CA ARG A 237 -4.75 2.99 -23.35
C ARG A 237 -5.43 2.37 -24.56
N GLY A 238 -6.02 3.22 -25.40
CA GLY A 238 -6.64 2.76 -26.62
C GLY A 238 -5.59 2.28 -27.62
N ASP A 239 -4.36 2.78 -27.46
CA ASP A 239 -3.30 2.48 -28.40
C ASP A 239 -2.28 1.49 -27.84
N GLY A 240 -2.70 0.68 -26.88
CA GLY A 240 -1.85 -0.36 -26.33
C GLY A 240 -0.63 0.14 -25.58
N THR A 241 -0.73 1.35 -25.04
CA THR A 241 0.33 1.90 -24.19
C THR A 241 -0.23 2.15 -22.80
N MET A 242 0.49 1.70 -21.78
CA MET A 242 0.00 1.69 -20.40
C MET A 242 -0.55 3.05 -19.95
N ARG A 243 -1.70 3.01 -19.28
CA ARG A 243 -2.35 4.23 -18.82
C ARG A 243 -1.51 4.91 -17.74
N LEU A 244 -1.18 6.18 -17.99
CA LEU A 244 -0.39 6.96 -17.05
C LEU A 244 -0.95 8.37 -16.96
N GLY A 245 -0.85 8.97 -15.78
CA GLY A 245 -1.35 10.31 -15.56
C GLY A 245 -2.85 10.42 -15.74
N GLU A 246 -3.55 9.32 -15.52
CA GLU A 246 -5.01 9.30 -15.62
C GLU A 246 -5.63 10.15 -14.51
N PRO A 247 -6.81 10.75 -14.76
CA PRO A 247 -7.56 10.65 -16.01
C PRO A 247 -7.17 11.70 -17.06
N THR A 248 -6.71 11.23 -18.22
CA THR A 248 -6.46 12.13 -19.34
C THR A 248 -7.75 12.32 -20.13
N SER A 249 -7.78 13.34 -20.98
CA SER A 249 -8.98 13.63 -21.77
C SER A 249 -9.19 12.57 -22.85
N SER A 250 -10.46 12.29 -23.15
CA SER A 250 -10.87 11.38 -24.21
C SER A 250 -10.35 9.95 -24.05
N GLU A 251 -10.31 9.48 -22.80
CA GLU A 251 -9.99 8.08 -22.52
C GLU A 251 -11.10 7.43 -21.71
N THR A 252 -11.40 6.17 -22.01
CA THR A 252 -12.44 5.44 -21.31
C THR A 252 -12.16 5.40 -19.81
N LEU A 253 -13.18 5.67 -19.01
CA LEU A 253 -13.03 5.76 -17.56
C LEU A 253 -12.93 4.38 -16.91
N SER A 254 -12.66 3.37 -17.72
CA SER A 254 -12.56 2.00 -17.25
C SER A 254 -11.41 1.82 -16.27
N CYS A 255 -10.51 2.78 -16.23
CA CYS A 255 -9.38 2.75 -15.32
C CYS A 255 -9.71 3.46 -14.01
N VAL A 256 -10.10 4.74 -14.12
CA VAL A 256 -10.32 5.57 -12.94
C VAL A 256 -11.43 5.04 -12.04
N ILE A 257 -12.37 4.29 -12.62
CA ILE A 257 -13.41 3.65 -11.84
C ILE A 257 -12.80 2.61 -10.90
N ILE A 258 -11.98 1.74 -11.45
CA ILE A 258 -11.30 0.71 -10.69
C ILE A 258 -10.43 1.33 -9.60
N PHE A 259 -9.71 2.39 -9.96
CA PHE A 259 -8.90 3.12 -8.99
C PHE A 259 -9.75 3.63 -7.84
N ILE A 260 -10.85 4.30 -8.18
CA ILE A 260 -11.76 4.84 -7.17
C ILE A 260 -12.21 3.74 -6.22
N ILE A 261 -12.63 2.61 -6.78
CA ILE A 261 -13.02 1.45 -5.98
C ILE A 261 -11.89 1.04 -5.01
N VAL A 262 -10.79 0.56 -5.59
CA VAL A 262 -9.69 -0.01 -4.84
C VAL A 262 -9.13 0.92 -3.77
N TYR A 263 -9.03 2.22 -4.10
CA TYR A 263 -8.46 3.19 -3.18
C TYR A 263 -9.45 3.62 -2.10
N TYR A 264 -10.63 4.08 -2.52
CA TYR A 264 -11.63 4.59 -1.59
C TYR A 264 -12.04 3.53 -0.57
N SER A 265 -12.35 2.34 -1.06
CA SER A 265 -12.75 1.24 -0.19
C SER A 265 -11.66 0.93 0.82
N MET A 266 -10.42 0.96 0.36
CA MET A 266 -9.26 0.72 1.21
C MET A 266 -9.16 1.76 2.34
N MET A 267 -9.17 3.03 1.96
CA MET A 267 -8.99 4.12 2.92
C MET A 267 -10.12 4.21 3.95
N SER A 268 -11.36 4.12 3.49
CA SER A 268 -12.48 4.07 4.44
C SER A 268 -12.32 2.84 5.33
N GLY A 269 -11.87 1.75 4.70
CA GLY A 269 -11.63 0.50 5.39
C GLY A 269 -10.59 0.56 6.49
N VAL A 270 -9.67 1.52 6.40
CA VAL A 270 -8.67 1.65 7.47
C VAL A 270 -8.96 2.81 8.43
N ILE A 271 -9.83 3.75 8.04
CA ILE A 271 -10.26 4.76 9.00
C ILE A 271 -11.29 4.17 9.96
N TRP A 272 -12.07 3.21 9.44
CA TRP A 272 -13.01 2.47 10.27
C TRP A 272 -12.29 1.73 11.40
N PHE A 273 -10.99 1.50 11.23
CA PHE A 273 -10.16 0.95 12.29
C PHE A 273 -10.09 1.92 13.47
N VAL A 274 -9.77 3.17 13.16
CA VAL A 274 -9.68 4.21 14.18
C VAL A 274 -11.03 4.36 14.88
N MET A 275 -12.10 4.39 14.09
CA MET A 275 -13.44 4.47 14.67
C MET A 275 -13.72 3.29 15.59
N LEU A 276 -13.23 2.12 15.18
CA LEU A 276 -13.39 0.89 15.96
C LEU A 276 -12.71 1.01 17.32
N THR A 277 -11.46 1.44 17.32
CA THR A 277 -10.69 1.59 18.55
C THR A 277 -11.30 2.63 19.48
N TYR A 278 -11.76 3.74 18.91
CA TYR A 278 -12.42 4.77 19.72
C TYR A 278 -13.69 4.22 20.36
N ALA A 279 -14.51 3.56 19.55
CA ALA A 279 -15.77 2.98 20.03
C ALA A 279 -15.53 1.98 21.15
N TRP A 280 -14.46 1.19 21.01
CA TRP A 280 -14.06 0.27 22.07
C TRP A 280 -13.69 1.01 23.35
N HIS A 281 -12.85 2.03 23.21
CA HIS A 281 -12.41 2.83 24.35
C HIS A 281 -13.59 3.44 25.11
N THR A 282 -14.51 4.05 24.38
CA THR A 282 -15.67 4.71 24.99
C THR A 282 -16.65 3.69 25.55
N SER A 283 -16.64 2.49 24.97
CA SER A 283 -17.44 1.39 25.52
C SER A 283 -16.87 0.94 26.86
N PHE A 284 -15.54 1.02 26.98
CA PHE A 284 -14.86 0.64 28.21
C PHE A 284 -14.99 1.71 29.28
N LYS A 285 -15.07 2.96 28.84
CA LYS A 285 -15.06 4.11 29.75
C LYS A 285 -16.31 4.15 30.64
N ALA A 286 -17.40 3.55 30.17
CA ALA A 286 -18.64 3.51 30.95
C ALA A 286 -18.67 2.29 31.86
N LEU A 294 -22.29 7.57 24.00
CA LEU A 294 -22.69 6.31 23.40
C LEU A 294 -23.07 6.50 21.93
N SER A 295 -24.37 6.44 21.65
CA SER A 295 -24.88 6.59 20.29
C SER A 295 -25.19 8.04 19.92
N GLY A 296 -24.52 8.97 20.58
CA GLY A 296 -24.69 10.38 20.29
C GLY A 296 -23.71 10.78 19.23
N LYS A 297 -22.55 10.13 19.25
CA LYS A 297 -21.49 10.38 18.28
C LYS A 297 -21.51 9.34 17.17
N THR A 298 -22.47 8.41 17.21
CA THR A 298 -22.49 7.30 16.27
C THR A 298 -22.82 7.73 14.83
N SER A 299 -23.35 8.94 14.68
CA SER A 299 -23.71 9.44 13.36
C SER A 299 -22.61 10.36 12.84
N TYR A 300 -21.63 10.64 13.69
CA TYR A 300 -20.54 11.53 13.32
C TYR A 300 -19.30 10.75 12.88
N PHE A 301 -19.20 9.49 13.29
CA PHE A 301 -18.08 8.65 12.84
C PHE A 301 -18.20 8.41 11.34
N HIS A 302 -19.42 8.04 10.93
CA HIS A 302 -19.80 7.90 9.53
C HIS A 302 -19.23 9.01 8.67
N LEU A 303 -19.63 10.24 8.96
CA LEU A 303 -19.26 11.40 8.17
C LEU A 303 -17.76 11.51 7.98
N ILE A 304 -16.98 11.26 9.03
CA ILE A 304 -15.53 11.27 8.91
C ILE A 304 -15.04 10.18 7.97
N THR A 305 -15.47 8.94 8.24
CA THR A 305 -14.99 7.78 7.49
C THR A 305 -15.40 7.81 6.03
N TRP A 306 -16.35 8.67 5.67
CA TRP A 306 -16.71 8.78 4.26
C TRP A 306 -16.20 10.07 3.64
N SER A 307 -15.95 11.08 4.48
CA SER A 307 -15.44 12.35 3.97
C SER A 307 -13.97 12.22 3.62
N ILE A 308 -13.15 11.74 4.55
CA ILE A 308 -11.70 11.72 4.30
C ILE A 308 -11.28 10.91 3.06
N PRO A 309 -11.81 9.68 2.88
CA PRO A 309 -11.43 8.96 1.66
C PRO A 309 -11.91 9.66 0.39
N PHE A 310 -13.07 10.30 0.46
CA PHE A 310 -13.60 11.05 -0.67
C PHE A 310 -12.66 12.19 -1.05
N VAL A 311 -12.31 13.01 -0.05
CA VAL A 311 -11.43 14.15 -0.28
C VAL A 311 -10.09 13.70 -0.84
N LEU A 312 -9.53 12.63 -0.27
CA LEU A 312 -8.26 12.10 -0.77
C LEU A 312 -8.35 11.66 -2.23
N THR A 313 -9.34 10.82 -2.53
CA THR A 313 -9.53 10.29 -3.87
C THR A 313 -9.75 11.41 -4.90
N VAL A 314 -10.59 12.38 -4.55
CA VAL A 314 -10.86 13.53 -5.39
C VAL A 314 -9.58 14.35 -5.62
N ALA A 315 -8.75 14.46 -4.60
CA ALA A 315 -7.48 15.16 -4.73
C ALA A 315 -6.57 14.43 -5.72
N ILE A 316 -6.50 13.11 -5.60
CA ILE A 316 -5.72 12.30 -6.53
C ILE A 316 -6.19 12.48 -7.96
N LEU A 317 -7.51 12.50 -8.16
CA LEU A 317 -8.06 12.71 -9.48
C LEU A 317 -7.80 14.15 -9.96
N ALA A 318 -7.63 15.06 -9.01
CA ALA A 318 -7.36 16.46 -9.33
C ALA A 318 -5.94 16.63 -9.85
N VAL A 319 -4.99 15.94 -9.23
CA VAL A 319 -3.60 15.99 -9.73
C VAL A 319 -3.41 14.99 -10.89
N ALA A 320 -4.40 14.13 -11.08
CA ALA A 320 -4.38 13.13 -12.14
C ALA A 320 -3.10 12.30 -12.12
N GLN A 321 -2.91 11.54 -11.05
CA GLN A 321 -1.73 10.69 -10.90
C GLN A 321 -2.11 9.22 -10.79
N VAL A 322 -3.19 8.84 -11.45
CA VAL A 322 -3.59 7.45 -11.51
C VAL A 322 -2.82 6.74 -12.62
N ASP A 323 -2.09 5.69 -12.25
CA ASP A 323 -1.31 4.92 -13.22
C ASP A 323 -1.83 3.49 -13.29
N GLY A 324 -1.50 2.80 -14.38
CA GLY A 324 -2.00 1.45 -14.58
C GLY A 324 -0.94 0.36 -14.50
N ASP A 325 -1.19 -0.65 -13.68
CA ASP A 325 -0.28 -1.78 -13.56
C ASP A 325 -0.91 -3.07 -14.09
N SER A 326 -0.15 -3.75 -14.94
CA SER A 326 -0.57 -4.98 -15.58
C SER A 326 -0.36 -6.19 -14.68
N VAL A 327 0.66 -6.10 -13.83
CA VAL A 327 0.99 -7.18 -12.92
C VAL A 327 -0.10 -7.34 -11.87
N SER A 328 -0.40 -6.25 -11.17
CA SER A 328 -1.51 -6.24 -10.22
C SER A 328 -2.83 -6.29 -10.97
N GLY A 329 -2.83 -5.71 -12.17
CA GLY A 329 -4.03 -5.68 -13.00
C GLY A 329 -5.00 -4.59 -12.60
N ILE A 330 -4.49 -3.49 -12.05
CA ILE A 330 -5.37 -2.41 -11.60
C ILE A 330 -4.77 -1.03 -11.78
N CYS A 331 -5.59 0.00 -11.55
CA CYS A 331 -5.11 1.36 -11.60
C CYS A 331 -5.02 1.95 -10.18
N PHE A 332 -3.87 2.53 -9.87
CA PHE A 332 -3.62 3.01 -8.52
C PHE A 332 -2.77 4.27 -8.54
N VAL A 333 -2.72 4.97 -7.40
CA VAL A 333 -2.01 6.23 -7.30
C VAL A 333 -0.50 6.04 -7.17
N GLY A 334 0.26 6.90 -7.85
CA GLY A 334 1.68 7.05 -7.62
C GLY A 334 2.57 5.86 -7.94
N TYR A 335 2.41 5.29 -9.13
CA TYR A 335 3.35 4.29 -9.61
C TYR A 335 4.56 5.00 -10.22
N LYS A 336 4.32 5.68 -11.34
CA LYS A 336 5.34 6.46 -12.04
C LYS A 336 6.09 7.38 -11.08
N ASN A 337 5.35 8.30 -10.46
CA ASN A 337 5.93 9.21 -9.49
C ASN A 337 5.67 8.72 -8.08
N TYR A 338 6.69 8.10 -7.47
CA TYR A 338 6.53 7.37 -6.21
C TYR A 338 6.41 8.26 -4.98
N HIS A 339 6.47 9.57 -5.17
CA HIS A 339 6.32 10.49 -4.05
C HIS A 339 4.84 10.85 -3.85
N TYR A 340 3.98 10.23 -4.64
CA TYR A 340 2.54 10.39 -4.49
C TYR A 340 1.97 9.19 -3.75
N ARG A 341 2.58 8.03 -3.96
CA ARG A 341 2.18 6.81 -3.27
C ARG A 341 2.50 6.92 -1.79
N ALA A 342 3.65 7.52 -1.48
CA ALA A 342 4.02 7.75 -0.09
C ALA A 342 3.07 8.76 0.54
N GLY A 343 2.59 9.70 -0.26
CA GLY A 343 1.73 10.76 0.23
C GLY A 343 0.30 10.34 0.52
N PHE A 344 -0.28 9.56 -0.39
CA PHE A 344 -1.70 9.20 -0.28
C PHE A 344 -1.95 7.79 0.25
N VAL A 345 -0.90 7.01 0.40
CA VAL A 345 -1.07 5.66 0.94
C VAL A 345 -0.42 5.52 2.30
N LEU A 346 0.87 5.86 2.36
CA LEU A 346 1.64 5.69 3.59
C LEU A 346 1.22 6.62 4.70
N ALA A 347 0.95 7.88 4.37
CA ALA A 347 0.55 8.86 5.39
C ALA A 347 -0.79 8.52 6.06
N PRO A 348 -1.86 8.28 5.28
CA PRO A 348 -3.12 7.98 5.96
C PRO A 348 -3.05 6.70 6.79
N ILE A 349 -2.36 5.69 6.27
CA ILE A 349 -2.22 4.41 6.96
C ILE A 349 -1.42 4.58 8.25
N GLY A 350 -0.35 5.37 8.19
CA GLY A 350 0.46 5.64 9.36
C GLY A 350 -0.31 6.39 10.43
N LEU A 351 -1.07 7.39 10.00
CA LEU A 351 -1.92 8.16 10.91
C LEU A 351 -2.96 7.26 11.58
N VAL A 352 -3.54 6.37 10.77
CA VAL A 352 -4.49 5.38 11.28
C VAL A 352 -3.84 4.50 12.33
N LEU A 353 -2.62 4.06 12.07
CA LEU A 353 -1.86 3.27 13.03
C LEU A 353 -1.68 4.02 14.34
N ILE A 354 -1.28 5.28 14.25
CA ILE A 354 -1.05 6.10 15.43
C ILE A 354 -2.33 6.28 16.26
N GLY A 355 -3.42 6.69 15.61
CA GLY A 355 -4.67 6.90 16.31
C GLY A 355 -5.25 5.62 16.92
N GLY A 356 -5.38 4.60 16.09
CA GLY A 356 -5.92 3.32 16.52
C GLY A 356 -5.09 2.71 17.64
N GLY A 357 -3.77 2.88 17.55
CA GLY A 357 -2.88 2.41 18.60
C GLY A 357 -3.12 3.17 19.89
N TYR A 358 -3.27 4.49 19.77
CA TYR A 358 -3.54 5.34 20.91
C TYR A 358 -4.79 4.88 21.65
N PHE A 359 -5.90 4.74 20.93
CA PHE A 359 -7.15 4.37 21.57
C PHE A 359 -7.17 2.90 21.97
N LEU A 360 -6.27 2.11 21.38
CA LEU A 360 -6.07 0.75 21.83
C LEU A 360 -5.49 0.73 23.24
N ILE A 361 -4.34 1.41 23.39
CA ILE A 361 -3.66 1.44 24.68
C ILE A 361 -4.49 2.18 25.74
N ARG A 362 -5.25 3.16 25.29
CA ARG A 362 -6.20 3.84 26.17
C ARG A 362 -7.28 2.86 26.63
N GLY A 363 -7.72 2.03 25.69
CA GLY A 363 -8.70 1.00 25.98
C GLY A 363 -8.19 -0.04 26.96
N VAL A 364 -6.91 -0.39 26.86
CA VAL A 364 -6.34 -1.40 27.75
C VAL A 364 -5.83 -0.77 29.04
N MET A 365 -5.83 0.55 29.13
CA MET A 365 -5.62 1.23 30.39
C MET A 365 -6.93 1.24 31.15
N THR A 366 -7.98 1.66 30.44
CA THR A 366 -9.35 1.61 30.93
C THR A 366 -9.69 0.19 31.36
N LEU A 367 -9.03 -0.77 30.72
CA LEU A 367 -9.21 -2.17 31.03
C LEU A 367 -8.35 -2.61 32.21
N PHE A 368 -7.08 -2.21 32.19
CA PHE A 368 -6.13 -2.62 33.19
C PHE A 368 -6.51 -2.15 34.59
N SER A 369 -7.14 -0.99 34.67
CA SER A 369 -7.49 -0.41 35.97
C SER A 369 -8.52 -1.24 36.76
N ALA A 370 -9.41 -1.94 36.07
CA ALA A 370 -10.41 -2.77 36.73
C ALA A 370 -9.91 -4.20 36.89
N ARG A 371 -9.10 -4.62 35.93
CA ARG A 371 -8.50 -5.94 35.87
C ARG A 371 -7.76 -6.28 37.16
N ARG A 372 -7.20 -5.25 37.79
CA ARG A 372 -6.50 -5.41 39.06
C ARG A 372 -7.47 -5.47 40.24
N GLN A 373 -8.49 -4.62 40.20
CA GLN A 373 -9.49 -4.54 41.27
C GLN A 373 -10.20 -5.88 41.49
N LEU A 374 -10.78 -6.40 40.42
CA LEU A 374 -11.49 -7.67 40.49
C LEU A 374 -10.57 -8.80 41.01
N ALA A 375 -9.33 -8.78 40.55
CA ALA A 375 -8.33 -9.76 40.96
C ALA A 375 -8.01 -9.65 42.45
N ASP A 376 -8.04 -8.43 42.97
CA ASP A 376 -7.82 -8.21 44.39
C ASP A 376 -8.97 -8.77 45.22
N LEU A 377 -10.20 -8.52 44.77
CA LEU A 377 -11.37 -9.11 45.44
C LEU A 377 -11.26 -10.63 45.47
N GLU A 378 -10.88 -11.20 44.32
CA GLU A 378 -10.67 -12.65 44.23
C GLU A 378 -9.57 -13.12 45.18
N ASP A 379 -8.57 -12.27 45.40
CA ASP A 379 -7.49 -12.58 46.34
C ASP A 379 -8.00 -12.66 47.77
N ASN A 380 -8.87 -11.72 48.15
CA ASN A 380 -9.46 -11.74 49.49
C ASN A 380 -10.33 -12.98 49.71
N TRP A 381 -11.20 -13.27 48.75
CA TRP A 381 -12.02 -14.48 48.82
C TRP A 381 -11.13 -15.72 48.84
N GLU A 382 -9.97 -15.63 48.21
CA GLU A 382 -9.00 -16.71 48.20
C GLU A 382 -8.44 -16.91 49.60
N THR A 383 -8.26 -15.80 50.32
CA THR A 383 -7.76 -15.87 51.70
C THR A 383 -8.78 -16.51 52.63
N LEU A 384 -10.00 -15.97 52.60
CA LEU A 384 -11.07 -16.42 53.50
C LEU A 384 -11.27 -17.93 53.52
N ASN A 385 -11.41 -18.51 52.34
CA ASN A 385 -11.68 -19.95 52.21
C ASN A 385 -10.59 -20.82 52.82
N ASP A 386 -9.34 -20.56 52.45
CA ASP A 386 -8.22 -21.35 52.94
C ASP A 386 -8.02 -21.18 54.45
N ASN A 387 -8.28 -19.97 54.93
CA ASN A 387 -8.22 -19.74 56.38
C ASN A 387 -9.30 -20.52 57.12
N LEU A 388 -10.49 -20.61 56.54
CA LEU A 388 -11.55 -21.43 57.11
C LEU A 388 -11.17 -22.91 57.04
N LYS A 389 -10.40 -23.26 56.02
CA LYS A 389 -9.90 -24.63 55.86
C LYS A 389 -8.94 -24.97 56.99
N VAL A 390 -8.10 -24.01 57.36
CA VAL A 390 -7.16 -24.23 58.47
C VAL A 390 -7.90 -24.26 59.80
N ILE A 391 -8.80 -23.31 60.01
CA ILE A 391 -9.55 -23.21 61.27
C ILE A 391 -10.41 -24.44 61.55
N GLU A 392 -11.20 -24.85 60.56
CA GLU A 392 -12.11 -25.99 60.74
C GLU A 392 -11.35 -27.27 61.08
N LYS A 393 -10.13 -27.38 60.57
CA LYS A 393 -9.33 -28.59 60.77
C LYS A 393 -7.98 -28.25 61.42
N ALA A 394 -8.00 -28.04 62.73
CA ALA A 394 -6.79 -27.73 63.48
C ALA A 394 -6.88 -28.22 64.92
N ASP A 395 -5.72 -28.45 65.53
CA ASP A 395 -5.65 -28.90 66.93
C ASP A 395 -5.24 -27.75 67.84
N ASN A 396 -4.16 -27.06 67.48
CA ASN A 396 -3.65 -25.96 68.26
C ASN A 396 -4.57 -24.74 68.20
N ALA A 397 -4.80 -24.11 69.34
CA ALA A 397 -5.69 -22.95 69.40
C ALA A 397 -4.93 -21.65 69.12
N ALA A 398 -3.71 -21.78 68.63
CA ALA A 398 -2.95 -20.63 68.16
C ALA A 398 -3.24 -20.42 66.68
N GLN A 399 -3.39 -21.53 65.97
CA GLN A 399 -3.71 -21.50 64.55
C GLN A 399 -5.05 -20.83 64.32
N VAL A 400 -6.01 -21.09 65.20
CA VAL A 400 -7.35 -20.51 65.10
C VAL A 400 -7.31 -19.00 65.25
N LYS A 401 -6.60 -18.54 66.28
CA LYS A 401 -6.41 -17.11 66.51
C LYS A 401 -5.74 -16.44 65.31
N ASP A 402 -4.64 -17.03 64.86
CA ASP A 402 -3.90 -16.53 63.70
C ASP A 402 -4.77 -16.40 62.46
N ALA A 403 -5.34 -17.52 62.03
CA ALA A 403 -6.16 -17.57 60.82
C ALA A 403 -7.37 -16.66 60.92
N LEU A 404 -7.91 -16.51 62.12
CA LEU A 404 -9.03 -15.59 62.34
C LEU A 404 -8.59 -14.14 62.13
N THR A 405 -7.39 -13.82 62.62
CA THR A 405 -6.85 -12.47 62.42
C THR A 405 -6.64 -12.20 60.94
N LYS A 406 -6.05 -13.16 60.24
CA LYS A 406 -5.82 -13.03 58.80
C LYS A 406 -7.14 -12.87 58.04
N MET A 407 -8.14 -13.62 58.45
CA MET A 407 -9.49 -13.50 57.89
C MET A 407 -10.02 -12.09 58.09
N ARG A 408 -9.86 -11.58 59.30
CA ARG A 408 -10.30 -10.23 59.63
C ARG A 408 -9.65 -9.22 58.70
N ALA A 409 -8.35 -9.37 58.49
CA ALA A 409 -7.59 -8.47 57.61
C ALA A 409 -8.12 -8.51 56.18
N ALA A 410 -8.26 -9.73 55.65
CA ALA A 410 -8.74 -9.93 54.29
C ALA A 410 -10.14 -9.34 54.09
N ALA A 411 -11.08 -9.75 54.92
CA ALA A 411 -12.46 -9.28 54.84
C ALA A 411 -12.57 -7.77 55.01
N LEU A 412 -11.76 -7.22 55.90
CA LEU A 412 -11.71 -5.77 56.07
C LEU A 412 -11.24 -5.10 54.80
N ASP A 413 -10.26 -5.71 54.14
CA ASP A 413 -9.72 -5.15 52.91
C ASP A 413 -10.71 -5.26 51.75
N ALA A 414 -11.58 -6.26 51.80
CA ALA A 414 -12.58 -6.49 50.76
C ALA A 414 -13.78 -5.55 50.93
N GLN A 415 -13.97 -5.06 52.15
CA GLN A 415 -15.10 -4.20 52.46
C GLN A 415 -14.88 -2.79 51.90
N LYS A 416 -13.66 -2.53 51.47
CA LYS A 416 -13.29 -1.22 50.94
C LYS A 416 -13.37 -1.18 49.43
N GLU A 431 -28.00 -0.39 46.97
CA GLU A 431 -27.61 -1.63 46.32
C GLU A 431 -26.19 -2.01 46.72
N MET A 432 -25.39 -0.99 47.02
CA MET A 432 -24.00 -1.20 47.45
C MET A 432 -23.93 -1.34 48.96
N LYS A 433 -24.81 -0.62 49.66
CA LYS A 433 -24.83 -0.64 51.12
C LYS A 433 -25.09 -2.03 51.66
N ASP A 434 -25.88 -2.82 50.94
CA ASP A 434 -26.15 -4.20 51.30
C ASP A 434 -24.86 -5.02 51.31
N PHE A 435 -24.08 -4.85 50.24
CA PHE A 435 -22.81 -5.53 50.08
C PHE A 435 -21.84 -5.24 51.23
N ARG A 436 -21.78 -3.98 51.63
CA ARG A 436 -20.91 -3.59 52.74
C ARG A 436 -21.45 -4.11 54.07
N HIS A 437 -22.78 -4.16 54.18
CA HIS A 437 -23.43 -4.70 55.37
C HIS A 437 -23.06 -6.15 55.60
N GLY A 438 -23.02 -6.93 54.52
CA GLY A 438 -22.60 -8.32 54.60
C GLY A 438 -21.24 -8.47 55.25
N PHE A 439 -20.29 -7.62 54.84
CA PHE A 439 -18.95 -7.66 55.39
C PHE A 439 -18.89 -7.08 56.80
N ASP A 440 -19.84 -6.22 57.14
CA ASP A 440 -19.99 -5.77 58.51
C ASP A 440 -20.27 -6.97 59.40
N ILE A 441 -21.27 -7.75 58.97
CA ILE A 441 -21.64 -8.96 59.69
C ILE A 441 -20.46 -9.93 59.77
N LEU A 442 -19.76 -10.11 58.66
CA LEU A 442 -18.64 -11.03 58.63
C LEU A 442 -17.53 -10.62 59.58
N VAL A 443 -17.12 -9.35 59.51
CA VAL A 443 -16.09 -8.82 60.40
C VAL A 443 -16.51 -8.95 61.87
N GLY A 444 -17.76 -8.63 62.17
CA GLY A 444 -18.28 -8.76 63.51
C GLY A 444 -18.17 -10.17 64.05
N GLN A 445 -18.71 -11.13 63.29
CA GLN A 445 -18.67 -12.53 63.70
C GLN A 445 -17.24 -13.04 63.83
N ILE A 446 -16.36 -12.59 62.94
CA ILE A 446 -14.94 -12.93 62.99
C ILE A 446 -14.32 -12.43 64.28
N ASP A 447 -14.72 -11.23 64.71
CA ASP A 447 -14.21 -10.66 65.96
C ASP A 447 -14.74 -11.41 67.18
N ASP A 448 -15.98 -11.88 67.11
CA ASP A 448 -16.54 -12.73 68.15
C ASP A 448 -15.70 -14.01 68.28
N ALA A 449 -15.47 -14.65 67.13
CA ALA A 449 -14.67 -15.86 67.08
C ALA A 449 -13.23 -15.60 67.55
N LEU A 450 -12.78 -14.36 67.38
CA LEU A 450 -11.47 -13.94 67.83
C LEU A 450 -11.44 -13.90 69.35
N LYS A 451 -12.49 -13.33 69.94
CA LYS A 451 -12.63 -13.31 71.39
C LYS A 451 -12.63 -14.73 71.93
N LEU A 452 -13.39 -15.61 71.29
CA LEU A 452 -13.47 -17.02 71.71
C LEU A 452 -12.12 -17.72 71.61
N ALA A 453 -11.40 -17.47 70.51
CA ALA A 453 -10.14 -18.15 70.24
C ALA A 453 -9.02 -17.66 71.15
N ASN A 454 -9.10 -16.37 71.51
CA ASN A 454 -8.09 -15.76 72.38
C ASN A 454 -8.06 -16.41 73.76
N GLU A 455 -9.23 -16.81 74.24
CA GLU A 455 -9.36 -17.39 75.57
C GLU A 455 -9.00 -18.86 75.60
N GLY A 456 -8.53 -19.39 74.47
CA GLY A 456 -8.05 -20.76 74.39
C GLY A 456 -9.11 -21.77 74.02
N LYS A 457 -10.34 -21.31 73.87
CA LYS A 457 -11.44 -22.20 73.49
C LYS A 457 -11.34 -22.58 72.02
N VAL A 458 -10.76 -23.74 71.76
CA VAL A 458 -10.49 -24.19 70.39
C VAL A 458 -11.77 -24.50 69.63
N LYS A 459 -12.47 -25.54 70.07
CA LYS A 459 -13.62 -26.05 69.34
C LYS A 459 -14.84 -25.14 69.40
N GLU A 460 -14.86 -24.22 70.36
CA GLU A 460 -15.93 -23.23 70.40
C GLU A 460 -15.77 -22.22 69.28
N ALA A 461 -14.53 -21.80 69.04
CA ALA A 461 -14.22 -20.90 67.95
C ALA A 461 -14.35 -21.62 66.61
N GLN A 462 -13.85 -22.86 66.56
CA GLN A 462 -13.98 -23.70 65.37
C GLN A 462 -15.45 -23.88 64.98
N ALA A 463 -16.30 -24.05 65.99
CA ALA A 463 -17.73 -24.16 65.74
C ALA A 463 -18.32 -22.81 65.38
N ALA A 464 -17.69 -21.74 65.88
CA ALA A 464 -18.13 -20.38 65.56
C ALA A 464 -17.56 -19.92 64.22
N ALA A 465 -16.87 -20.81 63.52
CA ALA A 465 -16.36 -20.51 62.20
C ALA A 465 -17.31 -21.03 61.11
N GLU A 466 -18.16 -21.98 61.48
CA GLU A 466 -19.18 -22.47 60.56
C GLU A 466 -20.24 -21.39 60.37
N GLN A 467 -20.43 -20.60 61.42
CA GLN A 467 -21.23 -19.39 61.34
C GLN A 467 -20.66 -18.49 60.24
N LEU A 468 -19.34 -18.40 60.23
CA LEU A 468 -18.62 -17.62 59.24
C LEU A 468 -18.78 -18.20 57.84
N LYS A 469 -18.86 -19.53 57.75
CA LYS A 469 -19.07 -20.17 56.45
C LYS A 469 -20.45 -19.85 55.88
N THR A 470 -21.48 -20.16 56.66
CA THR A 470 -22.86 -19.92 56.23
C THR A 470 -23.12 -18.44 55.96
N THR A 471 -22.49 -17.58 56.76
CA THR A 471 -22.63 -16.13 56.56
C THR A 471 -21.90 -15.69 55.29
N ARG A 472 -20.74 -16.31 55.05
CA ARG A 472 -19.96 -16.03 53.85
C ARG A 472 -20.77 -16.36 52.61
N ASN A 473 -21.42 -17.51 52.63
CA ASN A 473 -22.27 -17.93 51.53
C ASN A 473 -23.49 -17.03 51.37
N ALA A 474 -24.15 -16.73 52.50
CA ALA A 474 -25.41 -16.01 52.48
C ALA A 474 -25.26 -14.56 52.05
N TYR A 475 -24.26 -13.87 52.59
CA TYR A 475 -24.16 -12.42 52.39
C TYR A 475 -23.13 -11.97 51.36
N ILE A 476 -22.14 -12.82 51.09
CA ILE A 476 -21.00 -12.39 50.28
C ILE A 476 -20.93 -13.07 48.92
N GLN A 477 -21.27 -14.36 48.87
CA GLN A 477 -21.09 -15.16 47.66
C GLN A 477 -21.81 -14.61 46.44
N LYS A 478 -22.90 -13.88 46.67
CA LYS A 478 -23.66 -13.27 45.59
C LYS A 478 -22.77 -12.36 44.76
N TYR A 479 -22.37 -11.24 45.36
CA TYR A 479 -21.52 -10.25 44.71
C TYR A 479 -20.22 -10.83 44.18
N LEU A 480 -19.77 -11.93 44.78
CA LEU A 480 -18.51 -12.54 44.39
C LEU A 480 -18.63 -13.34 43.10
N GLU A 481 -19.54 -14.30 43.09
CA GLU A 481 -19.76 -15.10 41.89
C GLU A 481 -20.30 -14.21 40.79
N ARG A 482 -20.88 -13.08 41.18
CA ARG A 482 -21.26 -12.05 40.24
C ARG A 482 -20.02 -11.46 39.58
N ALA A 483 -18.98 -11.23 40.37
CA ALA A 483 -17.74 -10.64 39.85
C ALA A 483 -16.69 -11.71 39.56
N ARG A 484 -17.10 -12.97 39.62
CA ARG A 484 -16.21 -14.09 39.32
C ARG A 484 -16.17 -14.34 37.82
N SER A 485 -17.30 -14.11 37.16
CA SER A 485 -17.44 -14.40 35.75
C SER A 485 -16.79 -13.34 34.87
N THR A 486 -16.70 -12.12 35.39
CA THR A 486 -16.22 -10.98 34.63
C THR A 486 -14.74 -11.12 34.29
N LEU A 487 -13.99 -11.77 35.16
CA LEU A 487 -12.56 -11.99 34.94
C LEU A 487 -12.28 -12.88 33.73
N SER A 488 -13.29 -13.63 33.29
CA SER A 488 -13.17 -14.43 32.07
C SER A 488 -13.48 -13.55 30.86
N LYS A 489 -14.55 -12.77 30.97
CA LYS A 489 -14.97 -11.84 29.93
C LYS A 489 -13.87 -10.82 29.65
N ILE A 490 -13.36 -10.23 30.73
CA ILE A 490 -12.32 -9.21 30.66
C ILE A 490 -11.00 -9.74 30.12
N ASN A 491 -10.63 -10.95 30.51
CA ASN A 491 -9.40 -11.56 30.03
C ASN A 491 -9.52 -11.95 28.55
N GLU A 492 -10.70 -12.43 28.16
CA GLU A 492 -10.96 -12.76 26.76
C GLU A 492 -10.86 -11.51 25.89
N THR A 493 -11.50 -10.44 26.34
CA THR A 493 -11.41 -9.15 25.65
C THR A 493 -9.97 -8.66 25.57
N MET A 494 -9.24 -8.79 26.68
CA MET A 494 -7.86 -8.36 26.77
C MET A 494 -6.98 -9.09 25.77
N LEU A 495 -7.20 -10.40 25.64
CA LEU A 495 -6.39 -11.21 24.75
C LEU A 495 -6.80 -11.08 23.29
N ARG A 496 -8.06 -10.74 23.03
CA ARG A 496 -8.49 -10.49 21.66
C ARG A 496 -7.97 -9.13 21.19
N LEU A 497 -7.82 -8.21 22.14
CA LEU A 497 -7.16 -6.94 21.86
C LEU A 497 -5.66 -7.19 21.67
N GLY A 498 -5.15 -8.18 22.38
CA GLY A 498 -3.78 -8.62 22.21
C GLY A 498 -3.58 -9.17 20.81
N ILE A 499 -4.61 -9.82 20.29
CA ILE A 499 -4.61 -10.28 18.90
C ILE A 499 -4.57 -9.07 17.97
N PHE A 500 -5.62 -8.27 18.01
CA PHE A 500 -5.79 -7.16 17.08
C PHE A 500 -4.62 -6.18 17.07
N GLY A 501 -4.07 -5.87 18.23
CA GLY A 501 -2.98 -4.92 18.32
C GLY A 501 -1.73 -5.39 17.62
N PHE A 502 -1.18 -6.51 18.07
CA PHE A 502 0.06 -7.04 17.52
C PHE A 502 -0.13 -7.62 16.12
N LEU A 503 -1.39 -7.75 15.70
CA LEU A 503 -1.70 -8.14 14.32
C LEU A 503 -1.63 -6.92 13.41
N ALA A 504 -2.44 -5.91 13.73
CA ALA A 504 -2.52 -4.70 12.92
C ALA A 504 -1.18 -4.01 12.84
N PHE A 505 -0.47 -3.91 13.95
CA PHE A 505 0.84 -3.27 13.95
C PHE A 505 1.83 -4.04 13.09
N GLY A 506 1.72 -5.36 13.09
CA GLY A 506 2.56 -6.19 12.25
C GLY A 506 2.30 -5.93 10.78
N PHE A 507 1.02 -5.93 10.42
CA PHE A 507 0.61 -5.66 9.04
C PHE A 507 1.10 -4.28 8.57
N VAL A 508 0.88 -3.26 9.40
CA VAL A 508 1.31 -1.91 9.07
C VAL A 508 2.82 -1.83 8.91
N LEU A 509 3.53 -2.47 9.82
CA LEU A 509 4.99 -2.52 9.77
C LEU A 509 5.48 -3.14 8.45
N ILE A 510 4.84 -4.24 8.07
CA ILE A 510 5.22 -4.97 6.86
C ILE A 510 4.93 -4.16 5.60
N THR A 511 3.72 -3.60 5.51
CA THR A 511 3.35 -2.86 4.30
C THR A 511 4.18 -1.59 4.18
N PHE A 512 4.49 -0.98 5.33
CA PHE A 512 5.36 0.19 5.36
C PHE A 512 6.75 -0.20 4.90
N GLY A 513 7.17 -1.41 5.27
CA GLY A 513 8.46 -1.93 4.83
C GLY A 513 8.54 -2.10 3.33
N CYS A 514 7.55 -2.78 2.75
CA CYS A 514 7.48 -2.98 1.31
C CYS A 514 7.47 -1.65 0.55
N HIS A 515 6.48 -0.82 0.88
CA HIS A 515 6.33 0.48 0.24
C HIS A 515 7.60 1.32 0.37
N PHE A 516 8.31 1.14 1.48
CA PHE A 516 9.58 1.84 1.69
C PHE A 516 10.69 1.28 0.82
N TYR A 517 10.65 -0.03 0.55
CA TYR A 517 11.65 -0.65 -0.31
C TYR A 517 11.49 -0.16 -1.74
N ASP A 518 10.27 -0.24 -2.25
CA ASP A 518 9.97 0.27 -3.59
C ASP A 518 10.31 1.76 -3.66
N PHE A 519 9.90 2.49 -2.62
CA PHE A 519 10.22 3.91 -2.48
C PHE A 519 11.72 4.17 -2.55
N PHE A 520 12.48 3.20 -2.04
CA PHE A 520 13.93 3.32 -1.98
C PHE A 520 14.59 3.11 -3.33
N ASN A 521 14.23 2.01 -3.99
CA ASN A 521 14.93 1.63 -5.21
C ASN A 521 14.25 2.02 -6.53
N GLN A 522 13.14 2.74 -6.45
CA GLN A 522 12.48 3.21 -7.66
C GLN A 522 13.34 4.30 -8.31
N ALA A 523 14.26 4.86 -7.56
CA ALA A 523 15.20 5.84 -8.10
C ALA A 523 16.23 5.18 -9.01
N GLU A 524 16.47 3.89 -8.77
CA GLU A 524 17.48 3.14 -9.52
C GLU A 524 16.85 2.35 -10.66
N TRP A 525 15.67 1.79 -10.39
CA TRP A 525 14.96 0.99 -11.38
C TRP A 525 14.66 1.78 -12.66
N GLU A 526 14.40 3.08 -12.50
CA GLU A 526 14.16 3.95 -13.64
C GLU A 526 15.43 4.18 -14.44
N ARG A 527 16.55 4.33 -13.75
CA ARG A 527 17.86 4.44 -14.41
C ARG A 527 18.12 3.22 -15.27
N SER A 528 18.03 2.05 -14.64
CA SER A 528 18.27 0.78 -15.32
C SER A 528 17.33 0.60 -16.51
N PHE A 529 16.06 0.92 -16.31
CA PHE A 529 15.06 0.82 -17.37
C PHE A 529 15.41 1.71 -18.56
N ARG A 530 15.77 2.96 -18.27
CA ARG A 530 16.13 3.90 -19.32
C ARG A 530 17.33 3.39 -20.12
N GLU A 531 18.40 3.02 -19.42
CA GLU A 531 19.60 2.47 -20.06
C GLU A 531 19.25 1.27 -20.94
N TYR A 532 18.32 0.45 -20.47
CA TYR A 532 17.87 -0.71 -21.21
C TYR A 532 17.15 -0.30 -22.51
N VAL A 533 16.27 0.70 -22.40
CA VAL A 533 15.56 1.22 -23.55
C VAL A 533 16.53 1.73 -24.62
N LEU A 534 17.50 2.54 -24.19
CA LEU A 534 18.52 3.04 -25.11
C LEU A 534 19.30 1.90 -25.76
N CYS A 535 19.60 0.88 -24.95
CA CYS A 535 20.32 -0.29 -25.46
C CYS A 535 19.54 -0.97 -26.58
N GLU A 536 18.25 -1.19 -26.37
CA GLU A 536 17.45 -1.85 -27.40
C GLU A 536 17.28 -0.94 -28.61
N ALA A 537 17.31 0.36 -28.38
CA ALA A 537 17.27 1.35 -29.45
C ALA A 537 18.50 1.17 -30.34
N ASN A 538 19.64 0.89 -29.71
CA ASN A 538 20.84 0.54 -30.46
C ASN A 538 20.66 -0.77 -31.21
N VAL A 539 20.06 -1.75 -30.54
CA VAL A 539 19.80 -3.07 -31.14
C VAL A 539 19.01 -2.97 -32.44
N ALA A 540 18.00 -2.10 -32.46
CA ALA A 540 17.16 -1.89 -33.64
C ALA A 540 17.96 -1.69 -34.92
N ILE A 541 18.82 -0.68 -34.92
CA ILE A 541 19.66 -0.38 -36.07
C ILE A 541 20.75 -1.45 -36.23
N ALA A 542 21.28 -1.91 -35.11
CA ALA A 542 22.36 -2.89 -35.12
C ALA A 542 21.98 -4.16 -35.88
N GLU A 543 20.69 -4.51 -35.85
CA GLU A 543 20.23 -5.71 -36.54
C GLU A 543 20.06 -5.50 -38.04
N GLN A 544 19.24 -4.52 -38.42
CA GLN A 544 18.92 -4.31 -39.84
C GLN A 544 20.04 -3.61 -40.63
N THR A 545 21.26 -3.68 -40.13
CA THR A 545 22.40 -3.10 -40.84
C THR A 545 23.57 -4.08 -40.87
N ASN A 546 23.29 -5.35 -40.56
CA ASN A 546 24.30 -6.40 -40.55
C ASN A 546 25.51 -6.05 -39.69
N LYS A 547 25.28 -5.20 -38.69
CA LYS A 547 26.32 -4.82 -37.75
C LYS A 547 26.25 -5.71 -36.52
N PRO A 548 27.38 -5.84 -35.79
CA PRO A 548 27.35 -6.60 -34.53
C PRO A 548 26.35 -6.02 -33.55
N ILE A 549 25.57 -6.88 -32.89
CA ILE A 549 24.58 -6.39 -31.94
C ILE A 549 24.90 -6.85 -30.51
N PRO A 550 24.77 -5.93 -29.55
CA PRO A 550 25.03 -6.23 -28.15
C PRO A 550 23.79 -6.70 -27.41
N GLU A 551 23.97 -7.63 -26.47
CA GLU A 551 22.85 -8.13 -25.69
C GLU A 551 22.40 -7.09 -24.68
N CYS A 552 21.09 -6.84 -24.65
CA CYS A 552 20.53 -5.88 -23.71
C CYS A 552 19.69 -6.57 -22.66
N TYR A 553 19.73 -6.05 -21.44
CA TYR A 553 19.01 -6.63 -20.32
C TYR A 553 18.74 -5.58 -19.27
N ILE A 554 17.86 -5.91 -18.32
CA ILE A 554 17.58 -5.02 -17.20
C ILE A 554 18.57 -5.29 -16.08
N LYS A 555 19.30 -4.25 -15.67
CA LYS A 555 20.30 -4.38 -14.62
C LYS A 555 19.68 -4.78 -13.29
N ASN A 556 18.57 -4.14 -12.94
CA ASN A 556 17.86 -4.46 -11.70
C ASN A 556 16.39 -4.08 -11.78
N ARG A 557 15.55 -4.85 -11.08
CA ARG A 557 14.11 -4.69 -11.17
C ARG A 557 13.46 -4.93 -9.80
N PRO A 558 12.20 -4.52 -9.64
CA PRO A 558 11.48 -4.81 -8.39
C PRO A 558 11.43 -6.31 -8.07
N SER A 559 11.48 -6.65 -6.79
CA SER A 559 11.38 -8.04 -6.36
C SER A 559 9.91 -8.46 -6.30
N LEU A 560 9.60 -9.57 -6.97
CA LEU A 560 8.24 -10.08 -7.01
C LEU A 560 7.80 -10.61 -5.65
N LEU A 561 8.78 -11.08 -4.87
CA LEU A 561 8.50 -11.59 -3.54
C LEU A 561 8.00 -10.48 -2.62
N VAL A 562 8.54 -9.28 -2.80
CA VAL A 562 8.14 -8.13 -2.00
C VAL A 562 6.67 -7.78 -2.27
N GLU A 563 6.29 -7.76 -3.55
CA GLU A 563 4.92 -7.47 -3.94
C GLU A 563 4.00 -8.58 -3.41
N LYS A 564 4.48 -9.82 -3.48
CA LYS A 564 3.79 -10.95 -2.85
C LYS A 564 3.49 -10.63 -1.40
N ILE A 565 4.50 -10.13 -0.69
CA ILE A 565 4.40 -9.80 0.72
C ILE A 565 3.36 -8.72 0.97
N ASN A 566 3.43 -7.63 0.22
CA ASN A 566 2.49 -6.52 0.39
C ASN A 566 1.05 -6.94 0.15
N LEU A 567 0.83 -7.67 -0.95
CA LEU A 567 -0.49 -8.21 -1.25
C LEU A 567 -0.98 -9.09 -0.12
N PHE A 568 -0.11 -9.99 0.32
CA PHE A 568 -0.39 -10.85 1.48
C PHE A 568 -0.79 -10.04 2.72
N ALA A 569 -0.17 -8.88 2.87
CA ALA A 569 -0.44 -8.03 4.03
C ALA A 569 -1.84 -7.44 3.94
N MET A 570 -2.13 -6.72 2.86
CA MET A 570 -3.43 -6.05 2.75
C MET A 570 -4.59 -7.05 2.69
N PHE A 571 -4.43 -8.12 1.91
CA PHE A 571 -5.47 -9.13 1.81
C PHE A 571 -5.58 -9.90 3.12
N GLY A 572 -4.45 -10.05 3.81
CA GLY A 572 -4.43 -10.67 5.12
C GLY A 572 -5.23 -9.87 6.14
N THR A 573 -5.15 -8.56 6.04
CA THR A 573 -5.98 -7.67 6.87
C THR A 573 -7.44 -7.83 6.48
N GLY A 574 -7.69 -7.87 5.17
CA GLY A 574 -9.05 -8.04 4.67
C GLY A 574 -9.69 -9.34 5.13
N ILE A 575 -8.86 -10.35 5.39
CA ILE A 575 -9.35 -11.65 5.81
C ILE A 575 -9.48 -11.73 7.33
N SER A 576 -8.50 -11.15 8.03
CA SER A 576 -8.46 -11.21 9.49
C SER A 576 -9.62 -10.47 10.15
N MET A 577 -10.19 -9.49 9.45
CA MET A 577 -11.32 -8.74 9.96
C MET A 577 -12.62 -9.48 9.67
N SER A 578 -12.57 -10.40 8.70
CA SER A 578 -13.71 -11.24 8.39
C SER A 578 -13.71 -12.48 9.27
N THR A 579 -12.56 -12.79 9.85
CA THR A 579 -12.42 -13.93 10.74
C THR A 579 -13.09 -13.66 12.08
N TRP A 580 -13.24 -12.37 12.39
CA TRP A 580 -13.84 -11.94 13.65
C TRP A 580 -15.28 -12.45 13.82
N VAL A 581 -16.01 -12.57 12.71
CA VAL A 581 -17.40 -12.99 12.77
C VAL A 581 -17.53 -14.49 12.96
N TRP A 582 -16.40 -15.20 12.84
CA TRP A 582 -16.40 -16.66 12.97
C TRP A 582 -16.53 -17.11 14.42
N THR A 583 -17.77 -17.36 14.85
CA THR A 583 -18.03 -17.89 16.18
C THR A 583 -19.09 -18.99 16.13
N LYS A 584 -19.14 -19.81 17.17
CA LYS A 584 -20.15 -20.85 17.28
C LYS A 584 -21.52 -20.24 17.61
N ALA A 585 -21.50 -19.03 18.16
CA ALA A 585 -22.72 -18.32 18.50
C ALA A 585 -23.40 -17.79 17.24
N THR A 586 -22.61 -17.67 16.18
CA THR A 586 -23.09 -17.17 14.90
C THR A 586 -23.83 -18.26 14.14
N ILE A 587 -23.26 -19.45 14.14
CA ILE A 587 -23.75 -20.58 13.35
C ILE A 587 -25.23 -20.89 13.60
N ILE A 588 -25.68 -20.73 14.83
CA ILE A 588 -27.06 -21.06 15.19
C ILE A 588 -28.04 -19.97 14.77
N ILE A 589 -27.53 -18.74 14.64
CA ILE A 589 -28.36 -17.61 14.23
C ILE A 589 -28.92 -17.81 12.83
N TRP A 590 -28.14 -18.50 11.99
CA TRP A 590 -28.56 -18.82 10.62
C TRP A 590 -29.82 -19.68 10.60
N LYS A 591 -29.95 -20.57 11.57
CA LYS A 591 -31.06 -21.54 11.59
C LYS A 591 -32.41 -20.88 11.85
N ARG A 592 -32.43 -19.86 12.71
CA ARG A 592 -33.66 -19.22 13.16
C ARG A 592 -34.50 -18.66 12.01
N ALA A 593 -33.82 -18.18 10.97
CA ALA A 593 -34.50 -17.48 9.88
C ALA A 593 -35.38 -18.40 9.01
N TRP A 594 -35.01 -19.67 8.93
CA TRP A 594 -35.66 -20.56 7.97
C TRP A 594 -35.85 -22.00 8.44
N CYS A 595 -35.69 -22.24 9.75
CA CYS A 595 -35.86 -23.58 10.28
C CYS A 595 -37.32 -24.01 10.23
N ARG A 596 -38.22 -23.04 10.43
CA ARG A 596 -39.66 -23.28 10.43
C ARG A 596 -40.05 -24.33 11.47
N ILE A 597 -40.84 -25.31 11.04
CA ILE A 597 -41.30 -26.36 11.94
C ILE A 597 -40.65 -27.69 11.60
#